data_4LD4
#
_entry.id   4LD4
#
_cell.length_a   38.350
_cell.length_b   73.850
_cell.length_c   110.380
_cell.angle_alpha   90.000
_cell.angle_beta   90.000
_cell.angle_gamma   90.000
#
_symmetry.space_group_name_H-M   'P 21 21 21'
#
loop_
_entity.id
_entity.type
_entity.pdbx_description
1 polymer 'Cytidine and deoxycytidylate deaminase zinc-binding region'
2 non-polymer 'ZINC ION'
3 non-polymer 6-AMINOPYRIMIDIN-2(1H)-ONE
4 water water
#
_entity_poly.entity_id   1
_entity_poly.type   'polypeptide(L)'
_entity_poly.pdbx_seq_one_letter_code
;GHMNDALHIGLPPFLVQANNEPRVLAAPEARMGYVLELVRANIAADGGPFAAAVFERDSGLLIAAGTNRVVPGRCSAAHA
EILALSLAQAKLDTHDLSADGLPACELVTSAEPCVMCFGAVIWSGVRSLVCAARSDDVEAIGFDEGPRPENWMGGLEARG
ITVTTGLLRDAACALLREYNACNGVIYNARCGVHKGS
;
_entity_poly.pdbx_strand_id   A,B
#
loop_
_chem_comp.id
_chem_comp.type
_chem_comp.name
_chem_comp.formula
CYT non-polymer 6-AMINOPYRIMIDIN-2(1H)-ONE 'C4 H5 N3 O'
ZN non-polymer 'ZINC ION' 'Zn 2'
#
# COMPACT_ATOMS: atom_id res chain seq x y z
N MET A 3 -13.76 5.81 -8.83
CA MET A 3 -13.98 6.01 -10.30
C MET A 3 -12.97 5.16 -11.08
N ASN A 4 -12.97 5.34 -12.41
CA ASN A 4 -12.05 4.62 -13.30
C ASN A 4 -10.91 5.57 -13.67
N ASP A 5 -10.97 6.75 -13.07
CA ASP A 5 -10.00 7.81 -13.30
C ASP A 5 -9.58 8.37 -11.95
N ALA A 6 -9.33 7.46 -11.02
CA ALA A 6 -8.92 7.79 -9.66
C ALA A 6 -8.93 6.50 -8.83
N LEU A 7 -7.98 6.39 -7.91
CA LEU A 7 -7.94 5.23 -7.03
C LEU A 7 -9.13 5.43 -6.11
N HIS A 8 -10.01 4.45 -6.03
CA HIS A 8 -11.20 4.61 -5.20
C HIS A 8 -11.55 3.38 -4.39
N ILE A 9 -11.08 3.29 -3.15
CA ILE A 9 -11.39 2.14 -2.31
C ILE A 9 -12.59 2.42 -1.41
N GLY A 10 -13.66 1.66 -1.61
CA GLY A 10 -14.87 1.87 -0.84
C GLY A 10 -14.83 1.31 0.57
N LEU A 11 -15.36 2.10 1.51
CA LEU A 11 -15.41 1.68 2.91
C LEU A 11 -16.80 1.15 3.27
N PRO A 12 -16.86 -0.05 3.88
CA PRO A 12 -18.14 -0.65 4.28
C PRO A 12 -18.80 0.20 5.37
N PRO A 13 -20.15 0.30 5.34
CA PRO A 13 -20.92 1.07 6.32
C PRO A 13 -20.34 1.13 7.73
N PHE A 14 -20.08 -0.02 8.33
CA PHE A 14 -19.54 -0.06 9.69
C PHE A 14 -18.21 0.68 9.84
N LEU A 15 -17.41 0.68 8.78
CA LEU A 15 -16.13 1.35 8.79
C LEU A 15 -16.36 2.86 8.65
N VAL A 16 -17.38 3.23 7.90
CA VAL A 16 -17.70 4.63 7.70
C VAL A 16 -18.12 5.15 9.06
N GLN A 17 -18.98 4.39 9.72
CA GLN A 17 -19.45 4.73 11.05
C GLN A 17 -18.24 4.86 11.99
N ALA A 18 -17.32 3.90 11.86
CA ALA A 18 -16.12 3.88 12.68
C ALA A 18 -15.30 5.12 12.42
N ASN A 19 -15.35 5.65 11.21
CA ASN A 19 -14.59 6.85 10.90
C ASN A 19 -15.48 8.08 11.04
N ASN A 20 -16.69 7.89 11.53
CA ASN A 20 -17.63 9.00 11.68
C ASN A 20 -17.84 9.41 13.11
N GLU A 21 -18.15 8.45 13.97
CA GLU A 21 -18.39 8.76 15.37
C GLU A 21 -17.11 9.06 16.14
N PRO A 22 -17.09 10.19 16.86
CA PRO A 22 -15.94 10.62 17.65
C PRO A 22 -15.75 9.60 18.75
N ARG A 23 -14.49 9.32 19.08
CA ARG A 23 -14.21 8.32 20.09
C ARG A 23 -12.85 8.59 20.73
N VAL A 24 -12.73 8.30 22.02
CA VAL A 24 -11.48 8.49 22.72
C VAL A 24 -11.27 7.33 23.67
N LEU A 25 -10.21 6.58 23.44
CA LEU A 25 -9.84 5.42 24.25
C LEU A 25 -8.43 5.59 24.76
N ALA A 26 -8.30 5.79 26.07
CA ALA A 26 -6.98 5.99 26.67
C ALA A 26 -6.11 4.74 26.61
N ALA A 27 -6.44 3.77 27.44
CA ALA A 27 -5.71 2.50 27.56
C ALA A 27 -5.33 1.78 26.28
N PRO A 28 -4.13 1.18 26.25
CA PRO A 28 -3.72 0.45 25.06
C PRO A 28 -4.72 -0.70 24.83
N GLU A 29 -5.17 -1.28 25.93
CA GLU A 29 -6.14 -2.38 25.90
C GLU A 29 -7.42 -1.91 25.23
N ALA A 30 -7.89 -0.74 25.66
CA ALA A 30 -9.11 -0.15 25.13
C ALA A 30 -8.96 0.08 23.64
N ARG A 31 -7.85 0.68 23.24
CA ARG A 31 -7.57 0.98 21.85
C ARG A 31 -7.61 -0.27 20.98
N MET A 32 -6.81 -1.25 21.38
CA MET A 32 -6.74 -2.52 20.66
C MET A 32 -8.08 -3.25 20.74
N GLY A 33 -8.79 -3.03 21.84
CA GLY A 33 -10.10 -3.64 22.01
C GLY A 33 -11.03 -3.19 20.91
N TYR A 34 -11.08 -1.87 20.67
CA TYR A 34 -11.95 -1.32 19.63
C TYR A 34 -11.48 -1.81 18.26
N VAL A 35 -10.16 -1.89 18.09
CA VAL A 35 -9.63 -2.36 16.80
C VAL A 35 -10.07 -3.79 16.52
N LEU A 36 -10.12 -4.61 17.57
CA LEU A 36 -10.53 -5.98 17.40
C LEU A 36 -12.02 -6.09 17.17
N GLU A 37 -12.76 -5.02 17.46
CA GLU A 37 -14.20 -5.00 17.24
C GLU A 37 -14.44 -4.85 15.74
N LEU A 38 -13.58 -4.06 15.10
CA LEU A 38 -13.68 -3.81 13.67
C LEU A 38 -13.25 -5.05 12.91
N VAL A 39 -12.46 -5.88 13.56
CA VAL A 39 -12.00 -7.10 12.93
C VAL A 39 -13.21 -8.00 12.74
N ARG A 40 -13.89 -8.30 13.85
CA ARG A 40 -15.06 -9.16 13.80
C ARG A 40 -16.06 -8.62 12.78
N ALA A 41 -16.20 -7.30 12.75
CA ALA A 41 -17.12 -6.63 11.81
C ALA A 41 -16.67 -6.89 10.39
N ASN A 42 -15.42 -6.55 10.14
CA ASN A 42 -14.84 -6.71 8.81
C ASN A 42 -15.12 -8.11 8.29
N ILE A 43 -14.80 -9.11 9.09
CA ILE A 43 -14.98 -10.49 8.70
C ILE A 43 -16.44 -10.72 8.30
N ALA A 44 -17.35 -10.01 8.95
CA ALA A 44 -18.76 -10.16 8.64
C ALA A 44 -19.18 -9.27 7.48
N ALA A 45 -18.26 -8.44 6.99
CA ALA A 45 -18.57 -7.57 5.86
C ALA A 45 -17.78 -8.06 4.66
N ASP A 46 -17.41 -9.34 4.70
CA ASP A 46 -16.68 -9.99 3.62
C ASP A 46 -15.20 -9.59 3.50
N GLY A 47 -14.59 -9.17 4.60
CA GLY A 47 -13.20 -8.78 4.54
C GLY A 47 -12.25 -9.66 5.31
N GLY A 48 -10.95 -9.45 5.09
CA GLY A 48 -9.93 -10.23 5.78
C GLY A 48 -9.98 -9.97 7.28
N PRO A 49 -9.45 -10.87 8.11
CA PRO A 49 -9.45 -10.72 9.57
C PRO A 49 -8.39 -9.73 10.07
N PHE A 50 -8.37 -8.53 9.50
CA PHE A 50 -7.38 -7.54 9.88
C PHE A 50 -7.98 -6.14 9.94
N ALA A 51 -7.57 -5.38 10.95
CA ALA A 51 -8.06 -4.01 11.15
C ALA A 51 -7.01 -3.14 11.82
N ALA A 52 -7.17 -1.82 11.70
CA ALA A 52 -6.25 -0.87 12.30
C ALA A 52 -6.91 0.50 12.50
N ALA A 53 -6.28 1.34 13.30
CA ALA A 53 -6.79 2.67 13.59
C ALA A 53 -5.63 3.57 13.98
N VAL A 54 -5.73 4.85 13.66
CA VAL A 54 -4.69 5.80 14.01
C VAL A 54 -5.25 6.70 15.10
N PHE A 55 -4.52 6.81 16.20
CA PHE A 55 -4.95 7.62 17.31
C PHE A 55 -3.98 8.78 17.52
N GLU A 56 -4.38 9.70 18.39
CA GLU A 56 -3.55 10.84 18.72
C GLU A 56 -2.56 10.47 19.80
N ARG A 57 -2.38 9.16 19.99
CA ARG A 57 -1.46 8.58 20.97
C ARG A 57 -1.48 9.15 22.38
N ASP A 58 -1.29 10.47 22.51
CA ASP A 58 -1.26 11.11 23.81
C ASP A 58 -2.60 11.60 24.36
N SER A 59 -3.71 11.23 23.71
CA SER A 59 -5.03 11.64 24.19
C SER A 59 -6.03 10.53 23.97
N GLY A 60 -5.74 9.66 23.02
CA GLY A 60 -6.62 8.55 22.72
C GLY A 60 -7.74 8.89 21.76
N LEU A 61 -7.60 10.00 21.05
CA LEU A 61 -8.63 10.41 20.10
C LEU A 61 -8.56 9.60 18.81
N LEU A 62 -9.59 8.82 18.52
CA LEU A 62 -9.59 8.05 17.29
C LEU A 62 -9.60 9.02 16.11
N ILE A 63 -8.68 8.83 15.18
CA ILE A 63 -8.56 9.70 14.02
C ILE A 63 -9.06 9.02 12.73
N ALA A 64 -8.74 7.75 12.56
CA ALA A 64 -9.15 6.99 11.39
C ALA A 64 -8.93 5.50 11.59
N ALA A 65 -9.76 4.71 10.93
CA ALA A 65 -9.67 3.26 11.01
C ALA A 65 -9.69 2.68 9.60
N GLY A 66 -9.15 1.48 9.47
CA GLY A 66 -9.10 0.79 8.21
C GLY A 66 -9.13 -0.71 8.45
N THR A 67 -9.49 -1.46 7.43
CA THR A 67 -9.58 -2.90 7.56
C THR A 67 -9.21 -3.47 6.21
N ASN A 68 -8.94 -4.77 6.16
CA ASN A 68 -8.58 -5.42 4.92
C ASN A 68 -9.81 -5.51 3.99
N ARG A 69 -9.69 -4.90 2.82
CA ARG A 69 -10.76 -4.89 1.82
C ARG A 69 -10.17 -5.36 0.51
N VAL A 70 -9.13 -6.20 0.61
CA VAL A 70 -8.45 -6.71 -0.56
C VAL A 70 -9.36 -7.42 -1.58
N VAL A 71 -9.95 -8.54 -1.18
CA VAL A 71 -10.83 -9.31 -2.05
C VAL A 71 -12.12 -8.57 -2.41
N PRO A 72 -12.95 -8.22 -1.41
CA PRO A 72 -14.17 -7.52 -1.79
C PRO A 72 -13.82 -6.26 -2.60
N GLY A 73 -12.72 -5.63 -2.24
CA GLY A 73 -12.29 -4.43 -2.91
C GLY A 73 -11.50 -4.59 -4.20
N ARG A 74 -11.14 -5.83 -4.54
CA ARG A 74 -10.37 -6.10 -5.75
C ARG A 74 -9.13 -5.21 -5.79
N CYS A 75 -8.51 -5.06 -4.62
CA CYS A 75 -7.33 -4.21 -4.49
C CYS A 75 -6.36 -4.85 -3.49
N SER A 76 -5.26 -5.41 -3.99
CA SER A 76 -4.28 -6.05 -3.14
C SER A 76 -3.63 -5.07 -2.14
N ALA A 77 -3.56 -3.80 -2.50
CA ALA A 77 -2.97 -2.80 -1.61
C ALA A 77 -3.89 -2.33 -0.48
N ALA A 78 -5.16 -2.71 -0.54
CA ALA A 78 -6.11 -2.27 0.49
C ALA A 78 -6.03 -3.02 1.82
N HIS A 79 -4.85 -3.00 2.43
CA HIS A 79 -4.69 -3.65 3.72
C HIS A 79 -5.34 -2.77 4.78
N ALA A 80 -5.26 -3.20 6.04
CA ALA A 80 -5.86 -2.42 7.11
C ALA A 80 -5.00 -1.20 7.42
N GLU A 81 -3.69 -1.38 7.47
CA GLU A 81 -2.78 -0.27 7.75
C GLU A 81 -2.77 0.82 6.68
N ILE A 82 -2.84 0.43 5.41
CA ILE A 82 -2.82 1.39 4.31
C ILE A 82 -4.07 2.26 4.33
N LEU A 83 -5.21 1.66 4.64
CA LEU A 83 -6.46 2.39 4.68
C LEU A 83 -6.55 3.37 5.84
N ALA A 84 -6.14 2.94 7.04
CA ALA A 84 -6.17 3.80 8.22
C ALA A 84 -5.15 4.91 8.11
N LEU A 85 -3.98 4.59 7.57
CA LEU A 85 -2.92 5.57 7.42
C LEU A 85 -3.29 6.62 6.40
N SER A 86 -4.05 6.23 5.40
CA SER A 86 -4.45 7.18 4.38
C SER A 86 -5.58 8.05 4.91
N LEU A 87 -6.69 7.41 5.28
CA LEU A 87 -7.86 8.12 5.82
C LEU A 87 -7.40 9.15 6.86
N ALA A 88 -6.42 8.73 7.67
CA ALA A 88 -5.85 9.57 8.72
C ALA A 88 -5.15 10.76 8.09
N GLN A 89 -4.37 10.51 7.03
CA GLN A 89 -3.66 11.59 6.37
C GLN A 89 -4.63 12.50 5.62
N ALA A 90 -5.71 11.93 5.12
CA ALA A 90 -6.69 12.72 4.40
C ALA A 90 -7.45 13.63 5.35
N LYS A 91 -7.86 13.09 6.50
CA LYS A 91 -8.62 13.85 7.51
C LYS A 91 -7.81 15.06 8.03
N LEU A 92 -6.54 14.81 8.37
CA LEU A 92 -5.65 15.86 8.87
C LEU A 92 -5.06 16.62 7.67
N ASP A 93 -5.49 16.21 6.49
CA ASP A 93 -5.08 16.80 5.21
C ASP A 93 -3.60 17.08 5.06
N THR A 94 -2.82 16.01 5.02
CA THR A 94 -1.39 16.09 4.89
C THR A 94 -0.84 14.68 4.69
N HIS A 95 0.23 14.57 3.90
CA HIS A 95 0.85 13.28 3.66
C HIS A 95 1.73 12.93 4.85
N ASP A 96 1.95 13.91 5.72
CA ASP A 96 2.80 13.68 6.88
C ASP A 96 2.06 13.84 8.20
N LEU A 97 1.88 12.72 8.90
CA LEU A 97 1.22 12.70 10.19
C LEU A 97 2.25 13.17 11.21
N SER A 98 3.50 13.25 10.76
CA SER A 98 4.61 13.69 11.60
C SER A 98 4.82 15.17 11.29
N ALA A 99 3.96 15.69 10.42
CA ALA A 99 4.02 17.09 9.99
C ALA A 99 4.03 18.09 11.14
N ASP A 100 4.57 19.27 10.88
CA ASP A 100 4.66 20.33 11.87
C ASP A 100 3.31 20.75 12.41
N GLY A 101 3.13 20.58 13.72
CA GLY A 101 1.89 20.97 14.35
C GLY A 101 0.97 19.81 14.67
N LEU A 102 0.80 18.88 13.73
CA LEU A 102 -0.06 17.73 13.96
C LEU A 102 0.37 17.05 15.23
N PRO A 103 -0.55 16.29 15.84
CA PRO A 103 -0.23 15.59 17.09
C PRO A 103 0.59 14.35 16.78
N ALA A 104 1.16 13.75 17.81
CA ALA A 104 1.94 12.54 17.61
C ALA A 104 0.90 11.48 17.36
N CYS A 105 0.98 10.79 16.23
CA CYS A 105 0.01 9.74 15.91
C CYS A 105 0.52 8.36 16.27
N GLU A 106 -0.41 7.41 16.34
CA GLU A 106 -0.10 6.03 16.67
C GLU A 106 -0.99 5.10 15.85
N LEU A 107 -0.45 3.99 15.39
CA LEU A 107 -1.22 3.04 14.58
C LEU A 107 -1.39 1.73 15.33
N VAL A 108 -2.62 1.47 15.78
CA VAL A 108 -2.91 0.23 16.47
C VAL A 108 -3.44 -0.82 15.47
N THR A 109 -2.71 -1.92 15.33
CA THR A 109 -3.09 -2.99 14.39
C THR A 109 -3.28 -4.34 15.04
N SER A 110 -4.30 -5.07 14.56
CA SER A 110 -4.65 -6.40 15.06
C SER A 110 -3.54 -7.44 14.88
N ALA A 111 -2.62 -7.20 13.96
CA ALA A 111 -1.52 -8.14 13.71
C ALA A 111 -0.25 -7.43 13.24
N GLU A 112 0.90 -7.98 13.61
CA GLU A 112 2.17 -7.39 13.19
C GLU A 112 2.09 -7.15 11.69
N PRO A 113 2.42 -5.93 11.25
CA PRO A 113 2.39 -5.51 9.84
C PRO A 113 3.19 -6.34 8.85
N CYS A 114 2.68 -6.43 7.63
CA CYS A 114 3.36 -7.20 6.60
C CYS A 114 4.46 -6.31 6.01
N VAL A 115 5.23 -6.86 5.07
CA VAL A 115 6.33 -6.14 4.46
C VAL A 115 5.86 -4.86 3.77
N MET A 116 4.80 -4.95 2.97
CA MET A 116 4.26 -3.77 2.28
C MET A 116 3.95 -2.67 3.28
N CYS A 117 3.07 -2.98 4.22
CA CYS A 117 2.65 -2.02 5.24
C CYS A 117 3.80 -1.61 6.16
N PHE A 118 4.78 -2.50 6.32
CA PHE A 118 5.94 -2.22 7.17
C PHE A 118 6.59 -0.90 6.77
N GLY A 119 6.73 -0.70 5.45
CA GLY A 119 7.33 0.51 4.93
C GLY A 119 6.29 1.59 4.96
N ALA A 120 5.04 1.22 4.66
CA ALA A 120 3.93 2.15 4.65
C ALA A 120 3.93 2.91 5.97
N VAL A 121 4.27 2.19 7.04
CA VAL A 121 4.32 2.74 8.39
C VAL A 121 5.46 3.74 8.55
N ILE A 122 6.60 3.43 7.95
CA ILE A 122 7.77 4.29 8.03
C ILE A 122 7.53 5.65 7.38
N TRP A 123 6.84 5.65 6.24
CA TRP A 123 6.58 6.90 5.52
C TRP A 123 5.42 7.71 6.10
N SER A 124 4.41 7.01 6.63
CA SER A 124 3.21 7.63 7.18
C SER A 124 3.43 8.86 8.04
N GLY A 125 4.31 8.76 9.02
CA GLY A 125 4.56 9.90 9.89
C GLY A 125 4.10 9.63 11.32
N VAL A 126 3.70 8.39 11.59
CA VAL A 126 3.27 8.06 12.94
C VAL A 126 4.56 7.89 13.71
N ARG A 127 4.50 7.96 15.03
CA ARG A 127 5.71 7.82 15.84
C ARG A 127 5.66 6.56 16.70
N SER A 128 4.56 5.82 16.59
CA SER A 128 4.38 4.59 17.37
C SER A 128 3.47 3.56 16.69
N LEU A 129 3.87 2.29 16.77
CA LEU A 129 3.11 1.16 16.22
C LEU A 129 2.76 0.22 17.37
N VAL A 130 1.51 -0.19 17.45
CA VAL A 130 1.05 -1.11 18.50
C VAL A 130 0.32 -2.29 17.88
N CYS A 131 0.93 -3.48 17.99
CA CYS A 131 0.38 -4.70 17.42
C CYS A 131 -0.22 -5.65 18.41
N ALA A 132 -1.00 -6.59 17.90
CA ALA A 132 -1.66 -7.61 18.72
C ALA A 132 -1.13 -8.98 18.35
N ALA A 133 -1.61 -9.52 17.24
CA ALA A 133 -1.20 -10.85 16.77
C ALA A 133 0.22 -10.88 16.23
N ARG A 134 1.06 -11.73 16.81
CA ARG A 134 2.45 -11.88 16.37
C ARG A 134 2.45 -12.38 14.92
N SER A 135 3.58 -12.24 14.24
CA SER A 135 3.68 -12.68 12.87
C SER A 135 3.33 -14.15 12.71
N ASP A 136 3.87 -15.01 13.58
CA ASP A 136 3.60 -16.44 13.52
C ASP A 136 2.12 -16.79 13.52
N ASP A 137 1.32 -16.05 14.27
CA ASP A 137 -0.10 -16.33 14.34
C ASP A 137 -0.71 -16.15 12.97
N VAL A 138 -0.28 -15.09 12.29
CA VAL A 138 -0.77 -14.78 10.97
C VAL A 138 -0.28 -15.85 10.00
N GLU A 139 1.00 -16.15 10.07
CA GLU A 139 1.60 -17.17 9.23
C GLU A 139 0.83 -18.46 9.46
N ALA A 140 0.58 -18.75 10.73
CA ALA A 140 -0.14 -19.95 11.17
C ALA A 140 -1.41 -20.27 10.42
N ILE A 141 -1.95 -19.34 9.65
CA ILE A 141 -3.18 -19.61 8.93
C ILE A 141 -3.13 -19.01 7.52
N GLY A 142 -2.01 -19.22 6.84
CA GLY A 142 -1.84 -18.69 5.49
C GLY A 142 -1.24 -17.30 5.56
N PHE A 143 -2.07 -16.31 5.28
CA PHE A 143 -1.68 -14.90 5.32
C PHE A 143 -0.19 -14.75 5.52
N ASP A 144 0.49 -14.46 4.42
CA ASP A 144 1.92 -14.29 4.40
C ASP A 144 2.29 -12.89 4.87
N GLU A 145 3.33 -12.78 5.70
CA GLU A 145 3.78 -11.48 6.17
C GLU A 145 4.68 -10.86 5.10
N GLY A 146 5.30 -11.69 4.28
CA GLY A 146 6.18 -11.17 3.25
C GLY A 146 7.59 -10.99 3.74
N PRO A 147 8.58 -10.96 2.82
CA PRO A 147 9.99 -10.81 3.18
C PRO A 147 10.44 -9.54 3.91
N ARG A 148 10.13 -9.43 5.21
CA ARG A 148 10.54 -8.27 6.00
C ARG A 148 12.04 -8.35 6.27
N PRO A 149 12.75 -7.21 6.29
CA PRO A 149 14.19 -7.30 6.56
C PRO A 149 14.50 -7.76 8.00
N GLU A 150 15.77 -8.08 8.26
CA GLU A 150 16.18 -8.50 9.60
C GLU A 150 15.81 -7.44 10.62
N ASN A 151 15.30 -7.90 11.75
CA ASN A 151 14.89 -7.03 12.83
C ASN A 151 14.16 -5.80 12.30
N TRP A 152 13.00 -6.02 11.68
CA TRP A 152 12.24 -4.90 11.17
C TRP A 152 11.83 -4.05 12.36
N MET A 153 11.49 -4.71 13.46
CA MET A 153 11.08 -4.01 14.67
C MET A 153 12.19 -3.05 15.05
N GLY A 154 13.43 -3.55 15.03
CA GLY A 154 14.56 -2.72 15.36
C GLY A 154 14.67 -1.58 14.37
N GLY A 155 14.45 -1.90 13.10
CA GLY A 155 14.52 -0.88 12.07
C GLY A 155 13.57 0.27 12.38
N LEU A 156 12.41 -0.04 12.92
CA LEU A 156 11.42 0.98 13.28
C LEU A 156 11.85 1.79 14.48
N GLU A 157 12.24 1.11 15.56
CA GLU A 157 12.69 1.81 16.75
C GLU A 157 13.73 2.83 16.34
N ALA A 158 14.63 2.40 15.45
CA ALA A 158 15.70 3.25 14.97
C ALA A 158 15.19 4.55 14.38
N ARG A 159 14.12 4.46 13.59
CA ARG A 159 13.55 5.63 12.95
C ARG A 159 12.63 6.42 13.88
N GLY A 160 12.59 6.03 15.15
CA GLY A 160 11.75 6.72 16.11
C GLY A 160 10.34 6.18 16.26
N ILE A 161 10.02 5.14 15.47
CA ILE A 161 8.70 4.51 15.51
C ILE A 161 8.74 3.43 16.59
N THR A 162 8.20 3.70 17.77
CA THR A 162 8.25 2.68 18.81
C THR A 162 7.32 1.52 18.50
N VAL A 163 7.82 0.30 18.66
CA VAL A 163 7.03 -0.88 18.37
C VAL A 163 6.63 -1.71 19.59
N THR A 164 5.42 -2.28 19.53
CA THR A 164 4.90 -3.12 20.59
C THR A 164 3.98 -4.20 20.01
N THR A 165 4.18 -5.43 20.46
CA THR A 165 3.36 -6.53 19.96
C THR A 165 2.87 -7.40 21.10
N GLY A 166 1.81 -8.16 20.85
CA GLY A 166 1.29 -9.04 21.87
C GLY A 166 0.07 -8.51 22.58
N LEU A 167 -0.19 -7.21 22.47
CA LEU A 167 -1.35 -6.57 23.12
C LEU A 167 -2.67 -7.19 22.71
N LEU A 168 -3.35 -7.84 23.66
CA LEU A 168 -4.61 -8.52 23.43
C LEU A 168 -4.43 -9.58 22.35
N ARG A 169 -3.27 -10.24 22.37
CA ARG A 169 -2.96 -11.28 21.40
C ARG A 169 -3.90 -12.47 21.49
N ASP A 170 -4.37 -12.77 22.69
CA ASP A 170 -5.27 -13.91 22.91
C ASP A 170 -6.59 -13.81 22.17
N ALA A 171 -7.27 -12.66 22.29
CA ALA A 171 -8.53 -12.46 21.61
C ALA A 171 -8.26 -12.20 20.13
N ALA A 172 -7.05 -11.75 19.81
CA ALA A 172 -6.68 -11.50 18.42
C ALA A 172 -6.54 -12.84 17.67
N CYS A 173 -5.82 -13.80 18.26
CA CYS A 173 -5.65 -15.10 17.63
C CYS A 173 -6.97 -15.84 17.53
N ALA A 174 -7.85 -15.61 18.50
CA ALA A 174 -9.16 -16.23 18.47
C ALA A 174 -9.89 -15.71 17.24
N LEU A 175 -9.92 -14.39 17.10
CA LEU A 175 -10.60 -13.77 15.96
C LEU A 175 -10.04 -14.29 14.64
N LEU A 176 -8.75 -14.59 14.58
CA LEU A 176 -8.15 -15.10 13.35
C LEU A 176 -8.70 -16.48 13.06
N ARG A 177 -8.83 -17.29 14.11
CA ARG A 177 -9.32 -18.65 13.97
C ARG A 177 -10.78 -18.85 13.59
N GLU A 178 -11.71 -18.11 14.17
CA GLU A 178 -13.10 -18.31 13.78
C GLU A 178 -13.26 -17.82 12.34
N TYR A 179 -12.35 -16.96 11.92
CA TYR A 179 -12.34 -16.44 10.55
C TYR A 179 -12.01 -17.63 9.67
N ASN A 180 -10.85 -18.21 9.94
CA ASN A 180 -10.37 -19.38 9.22
C ASN A 180 -11.41 -20.49 9.30
N ALA A 181 -12.01 -20.65 10.47
CA ALA A 181 -13.04 -21.66 10.68
C ALA A 181 -14.17 -21.46 9.67
N CYS A 182 -14.44 -20.20 9.35
CA CYS A 182 -15.48 -19.85 8.38
C CYS A 182 -14.88 -19.27 7.11
N ASN A 183 -14.37 -20.15 6.25
CA ASN A 183 -13.77 -19.66 5.02
C ASN A 183 -14.15 -20.53 3.83
N GLY A 184 -14.16 -21.84 4.01
CA GLY A 184 -14.50 -22.76 2.94
C GLY A 184 -15.76 -22.36 2.16
N VAL A 185 -16.08 -23.13 1.12
CA VAL A 185 -17.25 -22.84 0.30
C VAL A 185 -18.52 -23.57 0.71
N ILE A 186 -18.35 -24.75 1.31
CA ILE A 186 -19.49 -25.53 1.76
C ILE A 186 -20.20 -24.74 2.85
N TYR A 187 -21.45 -24.36 2.58
CA TYR A 187 -22.25 -23.58 3.50
C TYR A 187 -22.37 -24.10 4.94
N ASN A 188 -22.28 -23.17 5.87
CA ASN A 188 -22.38 -23.45 7.31
C ASN A 188 -23.20 -22.33 7.96
N ALA A 189 -24.39 -22.67 8.43
CA ALA A 189 -25.28 -21.68 9.05
C ALA A 189 -24.72 -21.07 10.32
N ARG A 190 -23.73 -21.73 10.93
CA ARG A 190 -23.11 -21.24 12.16
C ARG A 190 -22.09 -20.14 11.89
N CYS A 191 -21.89 -19.82 10.61
CA CYS A 191 -20.96 -18.78 10.20
C CYS A 191 -21.71 -17.48 9.89
N GLY B 1 -7.40 13.54 -0.40
CA GLY B 1 -8.86 13.50 -0.70
C GLY B 1 -9.67 12.92 0.44
N HIS B 2 -10.32 13.79 1.21
CA HIS B 2 -11.11 13.36 2.35
C HIS B 2 -12.61 13.23 2.04
N MET B 3 -13.08 11.99 1.98
CA MET B 3 -14.49 11.70 1.74
C MET B 3 -15.04 11.04 3.00
N ASN B 4 -15.77 9.95 2.83
CA ASN B 4 -16.35 9.23 3.96
C ASN B 4 -16.64 7.78 3.56
N ASP B 5 -17.48 7.63 2.54
CA ASP B 5 -17.88 6.33 2.03
C ASP B 5 -16.76 5.58 1.31
N ALA B 6 -15.63 6.24 1.09
CA ALA B 6 -14.50 5.61 0.42
C ALA B 6 -13.22 6.42 0.44
N LEU B 7 -12.08 5.74 0.34
CA LEU B 7 -10.78 6.39 0.28
C LEU B 7 -10.67 6.81 -1.18
N HIS B 8 -10.38 8.08 -1.44
CA HIS B 8 -10.33 8.58 -2.81
C HIS B 8 -9.12 9.47 -3.10
N ILE B 9 -8.32 9.06 -4.09
CA ILE B 9 -7.16 9.84 -4.49
C ILE B 9 -7.25 10.19 -5.97
N GLY B 10 -7.49 11.47 -6.24
CA GLY B 10 -7.59 11.91 -7.63
C GLY B 10 -6.29 11.92 -8.40
N LEU B 11 -6.43 11.75 -9.71
CA LEU B 11 -5.29 11.73 -10.61
C LEU B 11 -5.37 12.95 -11.49
N PRO B 12 -4.23 13.60 -11.76
CA PRO B 12 -4.25 14.80 -12.61
C PRO B 12 -4.62 14.44 -14.04
N PRO B 13 -5.00 15.44 -14.84
CA PRO B 13 -5.39 15.28 -16.25
C PRO B 13 -4.58 14.29 -17.06
N PHE B 14 -3.29 14.55 -17.16
CA PHE B 14 -2.44 13.67 -17.95
C PHE B 14 -2.57 12.21 -17.54
N LEU B 15 -2.58 11.95 -16.24
CA LEU B 15 -2.69 10.57 -15.74
C LEU B 15 -4.09 10.03 -15.99
N VAL B 16 -5.10 10.85 -15.75
CA VAL B 16 -6.46 10.42 -16.00
C VAL B 16 -6.46 9.90 -17.44
N GLN B 17 -5.98 10.74 -18.36
CA GLN B 17 -5.92 10.39 -19.77
C GLN B 17 -5.12 9.13 -20.06
N ALA B 18 -3.97 9.00 -19.38
CA ALA B 18 -3.11 7.84 -19.57
C ALA B 18 -3.84 6.50 -19.37
N ASN B 19 -4.80 6.47 -18.45
CA ASN B 19 -5.54 5.24 -18.20
C ASN B 19 -6.78 5.04 -19.07
N ASN B 20 -6.99 5.92 -20.05
CA ASN B 20 -8.15 5.79 -20.92
C ASN B 20 -7.80 5.93 -22.39
N GLU B 21 -6.54 6.25 -22.65
CA GLU B 21 -6.06 6.39 -24.01
C GLU B 21 -5.54 5.00 -24.42
N PRO B 22 -6.11 4.42 -25.50
CA PRO B 22 -5.64 3.09 -25.93
C PRO B 22 -4.14 3.13 -26.27
N ARG B 23 -3.39 2.14 -25.78
CA ARG B 23 -1.96 2.11 -26.07
C ARG B 23 -1.35 0.72 -26.08
N VAL B 24 -0.54 0.45 -27.08
CA VAL B 24 0.13 -0.84 -27.21
C VAL B 24 1.59 -0.65 -27.59
N LEU B 25 2.47 -0.88 -26.63
CA LEU B 25 3.92 -0.74 -26.85
C LEU B 25 4.57 -2.10 -26.70
N ALA B 26 4.76 -2.78 -27.83
CA ALA B 26 5.36 -4.11 -27.87
C ALA B 26 6.74 -4.19 -27.22
N ALA B 27 7.67 -3.36 -27.71
CA ALA B 27 9.04 -3.35 -27.19
C ALA B 27 9.14 -2.92 -25.73
N PRO B 28 10.20 -3.35 -25.03
CA PRO B 28 10.44 -3.00 -23.62
C PRO B 28 10.82 -1.53 -23.47
N GLU B 29 11.73 -1.07 -24.34
CA GLU B 29 12.20 0.31 -24.33
C GLU B 29 11.03 1.27 -24.59
N ALA B 30 10.06 0.80 -25.38
CA ALA B 30 8.89 1.60 -25.72
C ALA B 30 8.06 1.81 -24.45
N ARG B 31 7.86 0.74 -23.70
CA ARG B 31 7.10 0.81 -22.46
C ARG B 31 7.80 1.78 -21.51
N MET B 32 9.09 1.56 -21.29
CA MET B 32 9.86 2.41 -20.39
C MET B 32 9.83 3.85 -20.89
N GLY B 33 10.02 4.03 -22.19
CA GLY B 33 10.00 5.37 -22.76
C GLY B 33 8.73 6.07 -22.36
N TYR B 34 7.59 5.43 -22.61
CA TYR B 34 6.31 6.01 -22.24
C TYR B 34 6.31 6.37 -20.75
N VAL B 35 6.69 5.43 -19.91
CA VAL B 35 6.72 5.66 -18.46
C VAL B 35 7.55 6.91 -18.12
N LEU B 36 8.72 7.05 -18.72
CA LEU B 36 9.54 8.23 -18.44
C LEU B 36 8.81 9.52 -18.82
N GLU B 37 8.08 9.51 -19.93
CA GLU B 37 7.33 10.67 -20.34
C GLU B 37 6.37 11.04 -19.22
N LEU B 38 5.75 10.03 -18.60
CA LEU B 38 4.82 10.27 -17.51
C LEU B 38 5.50 10.99 -16.36
N VAL B 39 6.71 10.56 -16.04
CA VAL B 39 7.45 11.17 -14.97
C VAL B 39 7.48 12.69 -15.18
N ARG B 40 7.89 13.10 -16.38
CA ARG B 40 7.99 14.51 -16.72
C ARG B 40 6.69 15.27 -16.44
N ALA B 41 5.58 14.76 -16.96
CA ALA B 41 4.28 15.38 -16.79
C ALA B 41 3.96 15.48 -15.30
N ASN B 42 4.22 14.40 -14.58
CA ASN B 42 3.98 14.37 -13.14
C ASN B 42 4.76 15.46 -12.41
N ILE B 43 6.03 15.62 -12.78
CA ILE B 43 6.86 16.65 -12.17
C ILE B 43 6.22 17.98 -12.51
N ALA B 44 5.74 18.09 -13.74
CA ALA B 44 5.10 19.30 -14.20
C ALA B 44 3.81 19.49 -13.42
N ALA B 45 3.22 18.39 -12.96
CA ALA B 45 1.98 18.43 -12.19
C ALA B 45 2.23 18.25 -10.68
N ASP B 46 3.18 19.04 -10.17
CA ASP B 46 3.53 19.03 -8.76
C ASP B 46 3.66 17.66 -8.14
N GLY B 47 4.09 16.69 -8.92
CA GLY B 47 4.23 15.34 -8.38
C GLY B 47 5.68 14.97 -8.28
N GLY B 48 5.98 13.88 -7.58
CA GLY B 48 7.36 13.43 -7.45
C GLY B 48 7.90 12.86 -8.75
N PRO B 49 9.24 12.73 -8.88
CA PRO B 49 9.90 12.19 -10.07
C PRO B 49 9.79 10.67 -10.21
N PHE B 50 8.56 10.16 -10.14
CA PHE B 50 8.31 8.73 -10.25
C PHE B 50 7.05 8.38 -10.99
N ALA B 51 7.15 7.41 -11.89
CA ALA B 51 5.99 6.98 -12.67
C ALA B 51 6.11 5.48 -12.91
N ALA B 52 5.05 4.87 -13.41
CA ALA B 52 5.05 3.44 -13.65
C ALA B 52 3.74 3.02 -14.32
N ALA B 53 3.72 1.81 -14.84
CA ALA B 53 2.51 1.34 -15.50
C ALA B 53 2.48 -0.17 -15.70
N VAL B 54 1.28 -0.74 -15.62
CA VAL B 54 1.13 -2.16 -15.81
C VAL B 54 0.76 -2.40 -17.28
N PHE B 55 1.41 -3.39 -17.88
CA PHE B 55 1.22 -3.77 -19.28
C PHE B 55 1.04 -5.27 -19.32
N GLU B 56 0.28 -5.79 -20.28
CA GLU B 56 0.13 -7.23 -20.39
C GLU B 56 1.47 -7.62 -20.98
N ARG B 57 2.27 -8.31 -20.18
CA ARG B 57 3.63 -8.69 -20.56
C ARG B 57 3.91 -8.95 -22.02
N ASP B 58 3.20 -9.88 -22.61
CA ASP B 58 3.44 -10.23 -24.00
C ASP B 58 2.88 -9.26 -25.03
N SER B 59 1.62 -8.86 -24.89
CA SER B 59 1.00 -7.95 -25.85
C SER B 59 1.54 -6.52 -25.80
N GLY B 60 1.86 -6.04 -24.61
CA GLY B 60 2.38 -4.69 -24.50
C GLY B 60 1.26 -3.67 -24.43
N LEU B 61 0.07 -4.13 -24.05
CA LEU B 61 -1.08 -3.25 -23.94
C LEU B 61 -1.05 -2.50 -22.62
N LEU B 62 -1.26 -1.19 -22.68
CA LEU B 62 -1.26 -0.42 -21.45
C LEU B 62 -2.56 -0.72 -20.72
N ILE B 63 -2.43 -1.12 -19.46
CA ILE B 63 -3.61 -1.42 -18.67
C ILE B 63 -3.88 -0.25 -17.73
N ALA B 64 -2.83 0.23 -17.07
CA ALA B 64 -2.99 1.35 -16.16
C ALA B 64 -1.63 1.95 -15.81
N ALA B 65 -1.63 3.24 -15.51
CA ALA B 65 -0.41 3.93 -15.13
C ALA B 65 -0.61 4.74 -13.86
N GLY B 66 0.48 4.95 -13.13
CA GLY B 66 0.41 5.69 -11.88
C GLY B 66 1.70 6.44 -11.61
N THR B 67 1.60 7.58 -10.93
CA THR B 67 2.77 8.37 -10.64
C THR B 67 2.87 8.57 -9.14
N ASN B 68 3.80 9.40 -8.70
CA ASN B 68 3.95 9.67 -7.29
C ASN B 68 3.02 10.84 -7.02
N ARG B 69 2.13 10.69 -6.04
CA ARG B 69 1.18 11.75 -5.74
C ARG B 69 1.13 12.09 -4.27
N VAL B 70 2.06 11.54 -3.50
CA VAL B 70 2.10 11.80 -2.07
C VAL B 70 1.70 13.22 -1.62
N VAL B 71 2.49 14.21 -2.00
CA VAL B 71 2.22 15.59 -1.59
C VAL B 71 0.88 16.17 -2.03
N PRO B 72 0.67 16.32 -3.35
CA PRO B 72 -0.60 16.87 -3.83
C PRO B 72 -1.84 16.09 -3.38
N GLY B 73 -1.68 14.78 -3.17
CA GLY B 73 -2.79 13.96 -2.75
C GLY B 73 -2.86 13.69 -1.26
N ARG B 74 -2.02 14.37 -0.48
CA ARG B 74 -1.97 14.18 0.96
C ARG B 74 -2.14 12.72 1.35
N CYS B 75 -1.32 11.85 0.73
CA CYS B 75 -1.34 10.41 1.00
C CYS B 75 0.09 9.91 0.79
N SER B 76 0.72 9.47 1.88
CA SER B 76 2.10 8.99 1.79
C SER B 76 2.19 7.62 1.11
N ALA B 77 1.04 6.97 0.93
CA ALA B 77 1.02 5.67 0.30
C ALA B 77 0.85 5.74 -1.22
N ALA B 78 0.60 6.94 -1.73
CA ALA B 78 0.38 7.12 -3.15
C ALA B 78 1.62 7.12 -4.07
N HIS B 79 2.38 6.03 -4.06
CA HIS B 79 3.57 5.93 -4.93
C HIS B 79 3.18 5.46 -6.34
N ALA B 80 4.02 5.74 -7.32
CA ALA B 80 3.74 5.35 -8.69
C ALA B 80 3.27 3.91 -8.79
N GLU B 81 3.94 3.01 -8.07
CA GLU B 81 3.58 1.60 -8.11
C GLU B 81 2.21 1.27 -7.54
N ILE B 82 1.95 1.71 -6.31
CA ILE B 82 0.68 1.45 -5.65
C ILE B 82 -0.51 1.84 -6.51
N LEU B 83 -0.46 3.03 -7.09
CA LEU B 83 -1.58 3.49 -7.91
C LEU B 83 -1.72 2.66 -9.18
N ALA B 84 -0.63 2.55 -9.94
CA ALA B 84 -0.67 1.77 -11.18
C ALA B 84 -1.17 0.32 -10.96
N LEU B 85 -0.75 -0.29 -9.85
CA LEU B 85 -1.18 -1.65 -9.53
C LEU B 85 -2.65 -1.71 -9.18
N SER B 86 -3.09 -0.73 -8.41
CA SER B 86 -4.46 -0.67 -7.96
C SER B 86 -5.51 -0.36 -9.02
N LEU B 87 -5.16 0.51 -9.96
CA LEU B 87 -6.09 0.85 -11.02
C LEU B 87 -6.16 -0.33 -12.00
N ALA B 88 -5.08 -1.10 -12.05
CA ALA B 88 -5.04 -2.26 -12.92
C ALA B 88 -5.93 -3.35 -12.33
N GLN B 89 -5.81 -3.58 -11.03
CA GLN B 89 -6.62 -4.59 -10.36
C GLN B 89 -8.07 -4.12 -10.38
N ALA B 90 -8.27 -2.84 -10.66
CA ALA B 90 -9.62 -2.31 -10.75
C ALA B 90 -10.17 -2.60 -12.14
N LYS B 91 -9.46 -2.16 -13.18
CA LYS B 91 -9.90 -2.38 -14.55
C LYS B 91 -10.23 -3.84 -14.81
N LEU B 92 -9.35 -4.74 -14.37
CA LEU B 92 -9.56 -6.16 -14.57
C LEU B 92 -10.52 -6.79 -13.56
N ASP B 93 -10.96 -5.99 -12.59
CA ASP B 93 -11.90 -6.47 -11.58
C ASP B 93 -11.45 -7.74 -10.85
N THR B 94 -10.31 -7.63 -10.16
CA THR B 94 -9.73 -8.71 -9.36
C THR B 94 -8.53 -8.16 -8.60
N HIS B 95 -8.29 -8.69 -7.41
CA HIS B 95 -7.17 -8.23 -6.59
C HIS B 95 -5.95 -9.02 -6.98
N ASP B 96 -6.15 -9.95 -7.91
CA ASP B 96 -5.06 -10.82 -8.32
C ASP B 96 -4.78 -10.70 -9.82
N LEU B 97 -3.66 -10.11 -10.18
CA LEU B 97 -3.32 -9.97 -11.60
C LEU B 97 -2.85 -11.29 -12.18
N SER B 98 -2.30 -12.17 -11.33
CA SER B 98 -1.84 -13.46 -11.80
C SER B 98 -3.02 -14.42 -11.76
N ALA B 99 -4.21 -13.85 -11.56
CA ALA B 99 -5.44 -14.64 -11.48
C ALA B 99 -5.63 -15.53 -12.71
N ASP B 100 -6.48 -16.54 -12.56
CA ASP B 100 -6.76 -17.48 -13.61
C ASP B 100 -7.55 -16.90 -14.79
N GLY B 101 -7.01 -17.06 -15.99
CA GLY B 101 -7.65 -16.56 -17.19
C GLY B 101 -7.24 -15.16 -17.61
N LEU B 102 -6.25 -14.60 -16.94
CA LEU B 102 -5.80 -13.24 -17.26
C LEU B 102 -4.40 -13.21 -17.82
N PRO B 103 -4.23 -12.61 -19.01
CA PRO B 103 -2.89 -12.54 -19.60
C PRO B 103 -1.89 -11.99 -18.60
N ALA B 104 -0.72 -12.62 -18.53
CA ALA B 104 0.34 -12.20 -17.60
C ALA B 104 0.54 -10.69 -17.65
N CYS B 105 0.69 -10.09 -16.47
CA CYS B 105 0.88 -8.66 -16.36
C CYS B 105 2.25 -8.26 -15.86
N GLU B 106 2.78 -7.22 -16.47
CA GLU B 106 4.11 -6.67 -16.15
C GLU B 106 4.02 -5.23 -15.65
N LEU B 107 4.93 -4.84 -14.77
CA LEU B 107 4.94 -3.49 -14.25
C LEU B 107 6.26 -2.85 -14.62
N VAL B 108 6.22 -1.89 -15.55
CA VAL B 108 7.40 -1.18 -15.98
C VAL B 108 7.44 0.00 -15.03
N THR B 109 8.58 0.27 -14.41
CA THR B 109 8.66 1.36 -13.45
C THR B 109 9.88 2.26 -13.62
N SER B 110 9.70 3.56 -13.41
CA SER B 110 10.76 4.57 -13.55
C SER B 110 11.99 4.31 -12.68
N ALA B 111 11.77 3.86 -11.45
CA ALA B 111 12.87 3.54 -10.53
C ALA B 111 12.60 2.23 -9.80
N GLU B 112 13.57 1.76 -9.03
CA GLU B 112 13.39 0.51 -8.30
C GLU B 112 12.51 0.78 -7.08
N PRO B 113 11.50 -0.07 -6.88
CA PRO B 113 10.54 0.01 -5.79
C PRO B 113 11.08 0.26 -4.40
N CYS B 114 10.30 0.96 -3.58
CA CYS B 114 10.64 1.24 -2.19
C CYS B 114 10.14 0.04 -1.41
N VAL B 115 10.77 -0.28 -0.28
CA VAL B 115 10.35 -1.46 0.48
C VAL B 115 8.83 -1.64 0.55
N MET B 116 8.10 -0.54 0.62
CA MET B 116 6.64 -0.62 0.63
C MET B 116 6.18 -1.24 -0.69
N CYS B 117 6.30 -0.46 -1.75
CA CYS B 117 5.91 -0.93 -3.08
C CYS B 117 6.48 -2.31 -3.33
N PHE B 118 7.68 -2.54 -2.78
CA PHE B 118 8.36 -3.82 -2.91
C PHE B 118 7.37 -4.92 -2.53
N GLY B 119 6.81 -4.79 -1.33
CA GLY B 119 5.84 -5.76 -0.90
C GLY B 119 4.62 -5.65 -1.77
N ALA B 120 4.27 -4.42 -2.17
CA ALA B 120 3.10 -4.16 -2.99
C ALA B 120 3.10 -4.96 -4.27
N VAL B 121 4.23 -4.97 -4.96
CA VAL B 121 4.34 -5.71 -6.20
C VAL B 121 4.09 -7.18 -5.94
N ILE B 122 4.75 -7.70 -4.91
CA ILE B 122 4.59 -9.09 -4.54
C ILE B 122 3.12 -9.51 -4.43
N TRP B 123 2.29 -8.72 -3.75
CA TRP B 123 0.88 -9.06 -3.59
C TRP B 123 0.01 -8.75 -4.81
N SER B 124 0.56 -8.07 -5.80
CA SER B 124 -0.26 -7.68 -6.94
C SER B 124 -0.61 -8.79 -7.91
N GLY B 125 0.33 -9.67 -8.17
CA GLY B 125 0.06 -10.74 -9.11
C GLY B 125 0.79 -10.50 -10.41
N VAL B 126 1.46 -9.35 -10.50
CA VAL B 126 2.23 -9.05 -11.71
C VAL B 126 3.28 -10.16 -11.75
N ARG B 127 3.64 -10.61 -12.95
CA ARG B 127 4.60 -11.68 -13.07
C ARG B 127 6.01 -11.26 -13.46
N SER B 128 6.22 -9.95 -13.61
CA SER B 128 7.54 -9.42 -13.97
C SER B 128 7.62 -7.94 -13.60
N LEU B 129 8.83 -7.48 -13.29
CA LEU B 129 9.09 -6.10 -12.91
C LEU B 129 10.31 -5.54 -13.65
N VAL B 130 10.09 -4.59 -14.54
CA VAL B 130 11.19 -3.98 -15.28
C VAL B 130 11.42 -2.57 -14.73
N CYS B 131 12.63 -2.31 -14.24
CA CYS B 131 12.92 -0.97 -13.70
C CYS B 131 13.90 -0.20 -14.58
N ALA B 132 13.92 1.12 -14.40
CA ALA B 132 14.82 2.01 -15.16
C ALA B 132 16.01 2.41 -14.28
N ALA B 133 15.80 3.41 -13.42
CA ALA B 133 16.84 3.89 -12.51
C ALA B 133 17.10 2.92 -11.36
N ARG B 134 18.38 2.83 -10.96
CA ARG B 134 18.79 1.98 -9.87
C ARG B 134 18.54 2.68 -8.54
N SER B 135 18.72 1.94 -7.45
CA SER B 135 18.51 2.47 -6.10
C SER B 135 19.46 3.58 -5.64
N ASP B 136 20.74 3.47 -5.97
CA ASP B 136 21.70 4.49 -5.59
C ASP B 136 21.32 5.76 -6.36
N ASP B 137 20.79 5.59 -7.57
CA ASP B 137 20.36 6.74 -8.37
C ASP B 137 19.27 7.49 -7.62
N VAL B 138 18.43 6.71 -6.95
CA VAL B 138 17.32 7.24 -6.18
C VAL B 138 17.79 7.93 -4.91
N GLU B 139 18.62 7.27 -4.12
CA GLU B 139 19.08 7.87 -2.88
C GLU B 139 19.96 9.06 -3.23
N ALA B 140 20.40 9.10 -4.47
CA ALA B 140 21.27 10.16 -4.95
C ALA B 140 20.55 11.50 -5.05
N ILE B 141 19.24 11.49 -5.27
CA ILE B 141 18.51 12.75 -5.37
C ILE B 141 17.73 13.00 -4.09
N GLY B 142 18.07 12.27 -3.04
CA GLY B 142 17.39 12.46 -1.77
C GLY B 142 16.00 11.89 -1.63
N PHE B 143 15.89 10.58 -1.76
CA PHE B 143 14.62 9.88 -1.61
C PHE B 143 15.00 8.57 -0.95
N ASP B 144 14.18 8.11 -0.01
CA ASP B 144 14.45 6.88 0.70
C ASP B 144 13.82 5.69 0.00
N GLU B 145 14.46 4.53 0.08
CA GLU B 145 13.95 3.31 -0.52
C GLU B 145 13.50 2.44 0.64
N GLY B 146 13.90 2.87 1.84
CA GLY B 146 13.54 2.14 3.04
C GLY B 146 14.37 0.89 3.23
N PRO B 147 14.22 0.22 4.38
CA PRO B 147 15.01 -1.00 4.58
C PRO B 147 14.39 -2.20 3.88
N ARG B 148 15.12 -2.75 2.92
CA ARG B 148 14.67 -3.92 2.18
C ARG B 148 15.45 -5.17 2.58
N PRO B 149 14.81 -6.34 2.46
CA PRO B 149 15.53 -7.57 2.84
C PRO B 149 16.74 -7.81 1.97
N GLU B 150 17.80 -8.37 2.55
CA GLU B 150 19.01 -8.64 1.78
C GLU B 150 18.59 -9.31 0.48
N ASN B 151 18.98 -8.73 -0.65
CA ASN B 151 18.65 -9.32 -1.95
C ASN B 151 17.15 -9.40 -2.18
N TRP B 152 16.50 -8.25 -2.35
CA TRP B 152 15.07 -8.22 -2.60
C TRP B 152 14.76 -8.81 -3.97
N MET B 153 15.60 -8.51 -4.94
CA MET B 153 15.40 -9.02 -6.27
C MET B 153 15.21 -10.53 -6.21
N GLY B 154 15.99 -11.17 -5.36
CA GLY B 154 15.87 -12.61 -5.20
C GLY B 154 14.47 -12.94 -4.72
N GLY B 155 14.03 -12.25 -3.67
CA GLY B 155 12.70 -12.49 -3.16
C GLY B 155 11.63 -12.50 -4.24
N LEU B 156 11.71 -11.53 -5.14
CA LEU B 156 10.74 -11.43 -6.22
C LEU B 156 10.89 -12.61 -7.16
N GLU B 157 12.13 -12.83 -7.61
CA GLU B 157 12.41 -13.93 -8.50
C GLU B 157 11.80 -15.19 -7.90
N ALA B 158 12.22 -15.49 -6.69
CA ALA B 158 11.74 -16.67 -5.98
C ALA B 158 10.23 -16.75 -5.85
N ARG B 159 9.55 -15.61 -5.94
CA ARG B 159 8.11 -15.61 -5.79
C ARG B 159 7.37 -15.54 -7.13
N GLY B 160 8.00 -16.03 -8.18
CA GLY B 160 7.37 -16.00 -9.49
C GLY B 160 7.37 -14.66 -10.20
N ILE B 161 8.17 -13.71 -9.73
CA ILE B 161 8.24 -12.40 -10.36
C ILE B 161 9.62 -12.17 -10.97
N THR B 162 9.68 -11.96 -12.28
CA THR B 162 10.95 -11.73 -12.94
C THR B 162 11.43 -10.28 -12.83
N VAL B 163 12.63 -10.12 -12.30
CA VAL B 163 13.21 -8.80 -12.14
C VAL B 163 14.13 -8.51 -13.32
N THR B 164 14.12 -7.27 -13.77
CA THR B 164 14.96 -6.82 -14.88
C THR B 164 15.06 -5.33 -14.68
N THR B 165 16.29 -4.83 -14.62
CA THR B 165 16.50 -3.41 -14.34
C THR B 165 17.62 -2.75 -15.14
N GLY B 166 17.69 -1.43 -14.99
CA GLY B 166 18.70 -0.64 -15.67
C GLY B 166 18.30 -0.21 -17.06
N LEU B 167 17.06 -0.52 -17.46
CA LEU B 167 16.53 -0.17 -18.77
C LEU B 167 16.28 1.32 -18.90
N LEU B 168 16.85 1.93 -19.94
CA LEU B 168 16.70 3.37 -20.16
C LEU B 168 17.13 4.13 -18.92
N ARG B 169 17.80 3.42 -18.02
CA ARG B 169 18.28 3.97 -16.77
C ARG B 169 18.84 5.39 -16.86
N ASP B 170 19.76 5.57 -17.81
CA ASP B 170 20.43 6.84 -18.05
C ASP B 170 19.45 7.96 -18.39
N ALA B 171 18.40 7.63 -19.13
CA ALA B 171 17.42 8.62 -19.49
C ALA B 171 16.57 8.95 -18.24
N ALA B 172 16.36 7.94 -17.40
CA ALA B 172 15.58 8.10 -16.18
C ALA B 172 16.29 8.98 -15.15
N CYS B 173 17.61 9.07 -15.25
CA CYS B 173 18.40 9.89 -14.33
C CYS B 173 18.42 11.36 -14.72
N ALA B 174 18.45 11.62 -16.02
CA ALA B 174 18.46 13.01 -16.47
C ALA B 174 17.18 13.64 -15.96
N LEU B 175 16.14 12.82 -15.80
CA LEU B 175 14.85 13.28 -15.30
C LEU B 175 14.92 13.51 -13.79
N LEU B 176 15.58 12.59 -13.08
CA LEU B 176 15.75 12.69 -11.64
C LEU B 176 16.60 13.92 -11.33
N ARG B 177 17.76 14.00 -11.95
CA ARG B 177 18.66 15.12 -11.75
C ARG B 177 17.93 16.44 -12.00
N GLU B 178 17.23 16.52 -13.12
CA GLU B 178 16.48 17.73 -13.47
C GLU B 178 15.55 18.12 -12.32
N TYR B 179 14.82 17.14 -11.81
CA TYR B 179 13.90 17.38 -10.70
C TYR B 179 14.65 17.93 -9.48
N ASN B 180 15.77 17.31 -9.17
CA ASN B 180 16.55 17.73 -8.02
C ASN B 180 17.15 19.11 -8.24
N ALA B 181 17.48 19.41 -9.50
CA ALA B 181 18.04 20.71 -9.83
C ALA B 181 17.04 21.82 -9.49
N CYS B 182 15.76 21.48 -9.46
CA CYS B 182 14.72 22.47 -9.19
C CYS B 182 13.82 22.15 -8.01
ZN ZN C . 0.09 -5.28 5.15
ZN ZN D . 7.37 2.97 -3.44
N3 CYT E . 9.05 6.25 -5.12
C4 CYT E . 10.36 6.00 -4.68
N1 CYT E . 8.84 7.91 -3.45
C2 CYT E . 8.29 7.22 -4.47
O2 CYT E . 7.16 7.43 -4.83
N4 CYT E . 11.06 5.06 -5.28
C5 CYT E . 10.92 6.71 -3.62
C6 CYT E . 10.15 7.68 -2.99
#